data_8IE7
#
_entry.id   8IE7
#
_cell.length_a   46.600
_cell.length_b   62.022
_cell.length_c   88.133
_cell.angle_alpha   90.00
_cell.angle_beta   90.00
_cell.angle_gamma   90.00
#
_symmetry.space_group_name_H-M   'P 21 21 21'
#
loop_
_entity.id
_entity.type
_entity.pdbx_description
1 polymer 'Death-associated protein kinase 1'
2 non-polymer Pterostilbene
3 non-polymer 'SULFATE ION'
4 water water
#
_entity_poly.entity_id   1
_entity_poly.type   'polypeptide(L)'
_entity_poly.pdbx_seq_one_letter_code
;MTVFRQENVDDYYDTGEELGSGQFAVVKKCREKSTGLQYAAKFIKKRRTKSSRRGVSREDIEREVSILKEIQHPNVITLH
EVYENKTDVILILELVAGGELFDFLAEKESLTEEEATEFLKQILNGVYYLHSLQIAHFDLKPENIMLLDRNVPKPRIKII
DFGLAHKIDFGNEFKNIFGTPEFVAPEIVNYEPLGLEADMWSIGVITYILLSGASPFLGDTKQETLANVSAVNYEFEDEY
FSNTSALAKDFIRRLLVKDPKKRMTIQDSLQHPWIKPKDTQQALSLEHHHHHH
;
_entity_poly.pdbx_strand_id   A
#
# COMPACT_ATOMS: atom_id res chain seq x y z
N THR A 2 -23.30 8.36 2.36
CA THR A 2 -23.70 6.96 2.46
C THR A 2 -23.62 6.51 3.91
N VAL A 3 -24.67 5.89 4.39
CA VAL A 3 -24.72 5.46 5.79
C VAL A 3 -24.40 3.98 5.87
N PHE A 4 -23.85 3.58 7.02
CA PHE A 4 -23.45 2.20 7.25
C PHE A 4 -24.29 1.61 8.36
N ARG A 5 -24.09 0.31 8.61
CA ARG A 5 -24.86 -0.40 9.62
C ARG A 5 -24.60 0.20 10.99
N GLN A 6 -25.67 0.55 11.70
CA GLN A 6 -25.52 1.22 12.98
C GLN A 6 -25.83 0.34 14.19
N GLU A 7 -26.02 -0.96 13.98
CA GLU A 7 -26.05 -1.88 15.10
C GLU A 7 -24.67 -1.97 15.73
N ASN A 8 -24.64 -2.33 17.01
CA ASN A 8 -23.38 -2.44 17.72
C ASN A 8 -22.57 -3.57 17.13
N VAL A 9 -21.34 -3.28 16.72
CA VAL A 9 -20.51 -4.30 16.08
C VAL A 9 -20.27 -5.46 17.03
N ASP A 10 -20.22 -5.17 18.34
CA ASP A 10 -19.99 -6.19 19.35
C ASP A 10 -21.13 -7.20 19.45
N ASP A 11 -22.30 -6.88 18.90
CA ASP A 11 -23.38 -7.84 18.90
C ASP A 11 -23.22 -8.90 17.81
N TYR A 12 -22.37 -8.65 16.84
CA TYR A 12 -22.19 -9.57 15.73
C TYR A 12 -20.78 -10.10 15.57
N TYR A 13 -19.80 -9.51 16.24
CA TYR A 13 -18.42 -9.95 16.15
C TYR A 13 -17.78 -9.94 17.53
N ASP A 14 -16.80 -10.83 17.71
CA ASP A 14 -15.92 -10.82 18.87
C ASP A 14 -14.53 -10.44 18.39
N THR A 15 -13.90 -9.51 19.09
CA THR A 15 -12.58 -9.04 18.68
C THR A 15 -11.50 -9.75 19.50
N GLY A 16 -10.30 -9.77 18.93
CA GLY A 16 -9.19 -10.47 19.55
C GLY A 16 -7.90 -9.69 19.45
N GLU A 17 -6.85 -10.36 18.97
CA GLU A 17 -5.53 -9.77 18.88
C GLU A 17 -5.55 -8.52 18.01
N GLU A 18 -4.79 -7.51 18.42
CA GLU A 18 -4.63 -6.30 17.61
C GLU A 18 -3.57 -6.54 16.54
N LEU A 19 -3.91 -6.21 15.30
CA LEU A 19 -3.02 -6.44 14.19
C LEU A 19 -2.19 -5.22 13.82
N GLY A 20 -2.70 -4.03 14.06
CA GLY A 20 -1.99 -2.82 13.69
C GLY A 20 -2.67 -1.60 14.24
N SER A 21 -1.88 -0.54 14.41
CA SER A 21 -2.36 0.69 15.03
C SER A 21 -1.74 1.86 14.28
N GLY A 22 -2.57 2.83 13.90
CA GLY A 22 -2.08 3.94 13.12
C GLY A 22 -2.49 5.28 13.68
N GLN A 23 -2.40 6.33 12.85
CA GLN A 23 -2.72 7.68 13.29
C GLN A 23 -4.16 7.77 13.82
N PHE A 24 -5.14 7.44 12.99
CA PHE A 24 -6.56 7.53 13.37
C PHE A 24 -7.30 6.20 13.24
N ALA A 25 -6.59 5.08 13.29
CA ALA A 25 -7.22 3.79 13.05
C ALA A 25 -6.50 2.73 13.87
N VAL A 26 -7.24 1.68 14.22
CA VAL A 26 -6.68 0.49 14.84
C VAL A 26 -7.36 -0.71 14.22
N VAL A 27 -6.60 -1.78 14.00
CA VAL A 27 -7.10 -2.99 13.35
C VAL A 27 -7.01 -4.14 14.34
N LYS A 28 -8.13 -4.84 14.51
CA LYS A 28 -8.21 -5.95 15.47
C LYS A 28 -8.72 -7.18 14.75
N LYS A 29 -8.09 -8.32 15.03
CA LYS A 29 -8.65 -9.58 14.56
C LYS A 29 -10.05 -9.74 15.13
N CYS A 30 -10.96 -10.32 14.36
CA CYS A 30 -12.31 -10.50 14.85
C CYS A 30 -12.90 -11.79 14.28
N ARG A 31 -14.04 -12.20 14.84
CA ARG A 31 -14.72 -13.41 14.44
C ARG A 31 -16.22 -13.12 14.39
N GLU A 32 -16.85 -13.37 13.24
CA GLU A 32 -18.29 -13.17 13.12
C GLU A 32 -19.01 -14.26 13.90
N LYS A 33 -19.94 -13.85 14.77
CA LYS A 33 -20.61 -14.81 15.64
C LYS A 33 -21.47 -15.80 14.86
N SER A 34 -22.13 -15.33 13.81
CA SER A 34 -23.08 -16.19 13.10
C SER A 34 -22.42 -17.23 12.22
N THR A 35 -21.16 -17.04 11.80
CA THR A 35 -20.51 -17.95 10.86
C THR A 35 -19.21 -18.54 11.38
N GLY A 36 -18.63 -18.01 12.45
CA GLY A 36 -17.31 -18.41 12.90
C GLY A 36 -16.17 -17.93 12.02
N LEU A 37 -16.46 -17.23 10.92
CA LEU A 37 -15.40 -16.76 10.03
C LEU A 37 -14.67 -15.59 10.65
N GLN A 38 -13.37 -15.51 10.35
CA GLN A 38 -12.50 -14.51 10.92
C GLN A 38 -12.19 -13.40 9.91
N TYR A 39 -12.04 -12.19 10.45
CA TYR A 39 -11.87 -10.97 9.68
C TYR A 39 -10.91 -10.07 10.43
N ALA A 40 -10.62 -8.92 9.83
CA ALA A 40 -9.89 -7.84 10.49
C ALA A 40 -10.83 -6.65 10.56
N ALA A 41 -11.05 -6.13 11.76
CA ALA A 41 -11.94 -4.99 11.96
C ALA A 41 -11.08 -3.73 12.07
N LYS A 42 -11.18 -2.85 11.08
CA LYS A 42 -10.45 -1.58 11.09
C LYS A 42 -11.36 -0.50 11.66
N PHE A 43 -11.03 0.02 12.83
CA PHE A 43 -11.82 1.07 13.49
C PHE A 43 -11.20 2.40 13.11
N ILE A 44 -11.94 3.22 12.38
CA ILE A 44 -11.48 4.51 11.90
C ILE A 44 -12.17 5.61 12.70
N LYS A 45 -11.37 6.47 13.34
CA LYS A 45 -11.93 7.54 14.17
C LYS A 45 -12.50 8.65 13.30
N LYS A 46 -13.77 8.98 13.54
CA LYS A 46 -14.44 10.05 12.81
C LYS A 46 -14.02 11.41 13.34
N ARG A 47 -14.03 12.40 12.45
CA ARG A 47 -13.97 13.81 12.86
C ARG A 47 -15.19 14.14 13.69
N ARG A 48 -14.98 14.84 14.80
CA ARG A 48 -16.08 15.26 15.65
C ARG A 48 -16.59 16.66 15.31
N THR A 49 -15.81 17.47 14.61
CA THR A 49 -16.27 18.77 14.15
C THR A 49 -15.81 18.99 12.71
N LYS A 50 -16.45 19.95 12.04
CA LYS A 50 -16.16 20.18 10.63
C LYS A 50 -14.74 20.67 10.43
N SER A 51 -14.28 21.56 11.29
CA SER A 51 -12.98 22.22 11.14
C SER A 51 -11.87 21.54 11.90
N SER A 52 -12.07 20.31 12.36
CA SER A 52 -11.07 19.65 13.19
C SER A 52 -10.01 18.98 12.33
N ARG A 53 -8.84 18.76 12.95
CA ARG A 53 -7.76 18.01 12.35
C ARG A 53 -7.67 16.59 12.88
N ARG A 54 -8.32 16.29 14.00
CA ARG A 54 -8.35 14.94 14.53
C ARG A 54 -9.45 14.13 13.84
N GLY A 55 -9.23 12.83 13.74
CA GLY A 55 -10.18 11.95 13.08
C GLY A 55 -10.11 12.06 11.57
N VAL A 56 -10.86 11.20 10.89
CA VAL A 56 -10.87 11.14 9.43
C VAL A 56 -12.18 11.73 8.95
N SER A 57 -12.12 12.63 7.96
CA SER A 57 -13.33 13.26 7.46
C SER A 57 -14.22 12.21 6.79
N ARG A 58 -15.54 12.41 6.91
CA ARG A 58 -16.45 11.41 6.32
C ARG A 58 -16.20 11.26 4.82
N GLU A 59 -15.87 12.35 4.13
CA GLU A 59 -15.55 12.23 2.70
C GLU A 59 -14.42 11.24 2.47
N ASP A 60 -13.35 11.34 3.26
CA ASP A 60 -12.22 10.43 3.11
C ASP A 60 -12.61 8.99 3.46
N ILE A 61 -13.46 8.79 4.48
CA ILE A 61 -13.89 7.43 4.82
C ILE A 61 -14.75 6.86 3.71
N GLU A 62 -15.68 7.66 3.19
CA GLU A 62 -16.56 7.15 2.15
C GLU A 62 -15.77 6.79 0.90
N ARG A 63 -14.75 7.57 0.56
CA ARG A 63 -13.95 7.24 -0.61
C ARG A 63 -13.25 5.91 -0.42
N GLU A 64 -12.63 5.69 0.75
CA GLU A 64 -11.98 4.42 1.03
C GLU A 64 -12.97 3.26 0.93
N VAL A 65 -14.15 3.42 1.53
CA VAL A 65 -15.16 2.39 1.44
C VAL A 65 -15.60 2.16 0.00
N SER A 66 -15.79 3.25 -0.76
CA SER A 66 -16.27 3.08 -2.12
C SER A 66 -15.26 2.32 -2.98
N ILE A 67 -13.97 2.59 -2.78
CA ILE A 67 -12.93 1.87 -3.52
C ILE A 67 -12.89 0.40 -3.10
N LEU A 68 -12.87 0.14 -1.79
CA LEU A 68 -12.88 -1.24 -1.31
C LEU A 68 -14.06 -2.03 -1.86
N LYS A 69 -15.22 -1.39 -1.98
CA LYS A 69 -16.39 -2.11 -2.48
C LYS A 69 -16.25 -2.56 -3.93
N GLU A 70 -15.39 -1.92 -4.71
CA GLU A 70 -15.23 -2.27 -6.11
C GLU A 70 -14.27 -3.42 -6.33
N ILE A 71 -13.34 -3.63 -5.44
CA ILE A 71 -12.20 -4.48 -5.74
C ILE A 71 -12.46 -5.93 -5.30
N GLN A 72 -12.06 -6.86 -6.16
CA GLN A 72 -12.05 -8.28 -5.81
C GLN A 72 -10.94 -8.93 -6.64
N HIS A 73 -9.84 -9.26 -5.98
CA HIS A 73 -8.67 -9.79 -6.67
C HIS A 73 -7.83 -10.51 -5.63
N PRO A 74 -7.16 -11.60 -6.01
CA PRO A 74 -6.38 -12.35 -5.01
C PRO A 74 -5.31 -11.56 -4.31
N ASN A 75 -4.78 -10.49 -4.92
CA ASN A 75 -3.69 -9.74 -4.31
C ASN A 75 -4.15 -8.44 -3.67
N VAL A 76 -5.44 -8.28 -3.44
CA VAL A 76 -5.99 -7.11 -2.79
C VAL A 76 -6.97 -7.56 -1.72
N ILE A 77 -7.00 -6.84 -0.60
CA ILE A 77 -7.93 -7.16 0.48
C ILE A 77 -9.37 -6.94 0.03
N THR A 78 -10.27 -7.77 0.55
CA THR A 78 -11.69 -7.66 0.24
C THR A 78 -12.44 -7.11 1.45
N LEU A 79 -13.48 -6.34 1.18
CA LEU A 79 -14.30 -5.73 2.22
C LEU A 79 -15.53 -6.61 2.44
N HIS A 80 -15.79 -6.95 3.70
CA HIS A 80 -16.92 -7.79 4.05
C HIS A 80 -18.16 -6.98 4.45
N GLU A 81 -18.00 -6.01 5.35
CA GLU A 81 -19.12 -5.25 5.90
C GLU A 81 -18.60 -3.95 6.45
N VAL A 82 -19.49 -2.96 6.61
CA VAL A 82 -19.12 -1.69 7.24
C VAL A 82 -20.14 -1.34 8.31
N TYR A 83 -19.66 -1.02 9.50
CA TYR A 83 -20.50 -0.52 10.59
C TYR A 83 -20.07 0.89 10.94
N GLU A 84 -20.90 1.58 11.71
CA GLU A 84 -20.49 2.89 12.21
C GLU A 84 -21.27 3.19 13.47
N ASN A 85 -20.67 4.02 14.31
CA ASN A 85 -21.38 4.63 15.44
C ASN A 85 -20.93 6.08 15.50
N LYS A 86 -21.22 6.75 16.62
CA LYS A 86 -20.91 8.18 16.74
C LYS A 86 -19.40 8.44 16.65
N THR A 87 -18.58 7.50 17.09
CA THR A 87 -17.14 7.72 17.19
C THR A 87 -16.33 7.12 16.05
N ASP A 88 -16.79 6.03 15.44
CA ASP A 88 -15.96 5.29 14.51
C ASP A 88 -16.78 4.77 13.34
N VAL A 89 -16.10 4.59 12.22
CA VAL A 89 -16.54 3.69 11.17
C VAL A 89 -15.70 2.42 11.30
N ILE A 90 -16.35 1.27 11.20
CA ILE A 90 -15.67 -0.01 11.41
C ILE A 90 -15.78 -0.79 10.12
N LEU A 91 -14.65 -0.99 9.43
CA LEU A 91 -14.62 -1.80 8.22
C LEU A 91 -14.31 -3.23 8.65
N ILE A 92 -15.16 -4.17 8.25
CA ILE A 92 -14.86 -5.58 8.48
C ILE A 92 -14.17 -6.06 7.20
N LEU A 93 -12.87 -6.34 7.31
CA LEU A 93 -12.03 -6.61 6.15
C LEU A 93 -11.54 -8.06 6.18
N GLU A 94 -11.18 -8.55 5.00
CA GLU A 94 -10.56 -9.88 4.91
C GLU A 94 -9.36 -9.94 5.85
N LEU A 95 -9.25 -11.07 6.55
CA LEU A 95 -8.15 -11.28 7.49
C LEU A 95 -6.91 -11.75 6.74
N VAL A 96 -5.83 -10.98 6.86
CA VAL A 96 -4.53 -11.32 6.29
C VAL A 96 -3.57 -11.41 7.46
N ALA A 97 -3.19 -12.63 7.84
CA ALA A 97 -2.59 -12.87 9.15
C ALA A 97 -1.10 -13.21 9.12
N GLY A 98 -0.48 -13.24 7.94
CA GLY A 98 0.92 -13.64 7.84
C GLY A 98 1.95 -12.58 8.14
N GLY A 99 1.54 -11.37 8.50
CA GLY A 99 2.49 -10.33 8.82
C GLY A 99 2.91 -9.50 7.62
N GLU A 100 3.54 -8.36 7.92
CA GLU A 100 3.99 -7.47 6.87
C GLU A 100 5.10 -8.12 6.06
N LEU A 101 5.13 -7.79 4.78
CA LEU A 101 6.35 -8.02 4.02
C LEU A 101 7.53 -7.39 4.74
N PHE A 102 7.31 -6.22 5.35
CA PHE A 102 8.36 -5.50 6.08
C PHE A 102 8.87 -6.29 7.28
N ASP A 103 7.96 -6.82 8.11
CA ASP A 103 8.39 -7.70 9.21
C ASP A 103 9.09 -8.94 8.66
N PHE A 104 8.57 -9.49 7.56
CA PHE A 104 9.25 -10.58 6.88
C PHE A 104 10.59 -10.15 6.32
N LEU A 105 10.71 -8.87 5.93
CA LEU A 105 11.97 -8.38 5.36
C LEU A 105 13.12 -8.52 6.35
N ALA A 106 12.91 -8.08 7.60
CA ALA A 106 13.95 -8.09 8.61
C ALA A 106 14.40 -9.49 9.02
N GLU A 107 13.79 -10.55 8.47
CA GLU A 107 14.16 -11.91 8.84
C GLU A 107 15.39 -12.40 8.08
N LYS A 108 15.56 -11.95 6.83
CA LYS A 108 16.71 -12.37 6.03
C LYS A 108 17.94 -11.50 6.30
N SER A 110 17.54 -9.24 3.27
CA SER A 110 17.74 -9.15 1.83
C SER A 110 17.32 -10.47 1.14
N LEU A 111 16.52 -10.36 0.07
CA LEU A 111 16.03 -11.52 -0.66
C LEU A 111 16.85 -11.76 -1.91
N THR A 112 16.88 -13.02 -2.36
CA THR A 112 17.38 -13.34 -3.69
C THR A 112 16.47 -12.71 -4.75
N GLU A 113 16.98 -12.62 -5.98
CA GLU A 113 16.17 -12.05 -7.05
C GLU A 113 14.93 -12.88 -7.32
N GLU A 114 15.01 -14.20 -7.16
CA GLU A 114 13.80 -15.00 -7.38
C GLU A 114 12.77 -14.77 -6.30
N GLU A 115 13.20 -14.72 -5.03
CA GLU A 115 12.26 -14.47 -3.94
C GLU A 115 11.66 -13.08 -4.09
N ALA A 116 12.47 -12.10 -4.47
CA ALA A 116 11.98 -10.75 -4.68
C ALA A 116 10.96 -10.70 -5.82
N THR A 117 11.30 -11.31 -6.98
CA THR A 117 10.37 -11.26 -8.11
C THR A 117 9.08 -12.03 -7.83
N GLU A 118 9.16 -13.10 -7.04
CA GLU A 118 7.95 -13.84 -6.70
C GLU A 118 6.98 -12.95 -5.91
N PHE A 119 7.49 -12.20 -4.93
CA PHE A 119 6.67 -11.21 -4.25
C PHE A 119 6.28 -10.11 -5.21
N LEU A 120 7.27 -9.58 -5.92
CA LEU A 120 7.02 -8.40 -6.76
C LEU A 120 5.97 -8.70 -7.83
N LYS A 121 5.99 -9.90 -8.40
CA LYS A 121 4.98 -10.21 -9.42
C LYS A 121 3.58 -10.17 -8.84
N GLN A 122 3.41 -10.62 -7.61
CA GLN A 122 2.08 -10.53 -7.00
C GLN A 122 1.69 -9.08 -6.75
N ILE A 123 2.64 -8.25 -6.30
CA ILE A 123 2.35 -6.83 -6.17
C ILE A 123 1.94 -6.24 -7.52
N LEU A 124 2.72 -6.54 -8.57
CA LEU A 124 2.40 -5.97 -9.88
C LEU A 124 1.03 -6.43 -10.37
N ASN A 125 0.69 -7.70 -10.12
CA ASN A 125 -0.62 -8.19 -10.52
C ASN A 125 -1.74 -7.45 -9.80
N GLY A 126 -1.56 -7.20 -8.50
CA GLY A 126 -2.58 -6.44 -7.78
C GLY A 126 -2.66 -5.00 -8.25
N VAL A 127 -1.51 -4.38 -8.51
CA VAL A 127 -1.53 -3.00 -9.00
C VAL A 127 -2.07 -2.92 -10.43
N TYR A 128 -1.76 -3.92 -11.25
CA TYR A 128 -2.34 -3.97 -12.59
C TYR A 128 -3.86 -4.00 -12.53
N TYR A 129 -4.41 -4.80 -11.62
CA TYR A 129 -5.86 -4.81 -11.42
C TYR A 129 -6.38 -3.43 -11.02
N LEU A 130 -5.76 -2.81 -10.00
CA LEU A 130 -6.19 -1.49 -9.54
C LEU A 130 -6.09 -0.45 -10.64
N HIS A 131 -4.94 -0.38 -11.31
CA HIS A 131 -4.75 0.62 -12.34
C HIS A 131 -5.67 0.38 -13.53
N SER A 132 -6.00 -0.89 -13.82
CA SER A 132 -7.01 -1.17 -14.84
C SER A 132 -8.35 -0.55 -14.47
N LEU A 133 -8.66 -0.47 -13.18
CA LEU A 133 -9.87 0.20 -12.71
C LEU A 133 -9.65 1.68 -12.48
N GLN A 134 -8.51 2.25 -12.90
CA GLN A 134 -8.18 3.64 -12.68
C GLN A 134 -8.13 4.01 -11.20
N ILE A 135 -7.73 3.05 -10.36
CA ILE A 135 -7.53 3.29 -8.94
C ILE A 135 -6.03 3.45 -8.69
N ALA A 136 -5.63 4.63 -8.23
CA ALA A 136 -4.30 4.84 -7.68
C ALA A 136 -4.33 4.54 -6.19
N HIS A 137 -3.34 3.76 -5.73
CA HIS A 137 -3.32 3.38 -4.32
C HIS A 137 -2.75 4.52 -3.46
N PHE A 138 -1.67 5.13 -3.92
CA PHE A 138 -1.04 6.30 -3.30
C PHE A 138 -0.36 6.01 -1.97
N ASP A 139 -0.30 4.76 -1.52
CA ASP A 139 0.32 4.49 -0.23
C ASP A 139 1.03 3.14 -0.26
N LEU A 140 1.63 2.79 -1.40
CA LEU A 140 2.30 1.51 -1.52
C LEU A 140 3.62 1.56 -0.75
N LYS A 141 3.77 0.67 0.22
CA LYS A 141 4.98 0.56 1.01
C LYS A 141 4.94 -0.80 1.69
N PRO A 142 6.09 -1.31 2.16
CA PRO A 142 6.11 -2.66 2.78
C PRO A 142 5.09 -2.83 3.89
N GLU A 143 4.83 -1.79 4.67
CA GLU A 143 3.82 -1.84 5.73
C GLU A 143 2.45 -2.23 5.19
N ASN A 144 2.13 -1.85 3.95
CA ASN A 144 0.82 -2.10 3.37
C ASN A 144 0.78 -3.34 2.49
N ILE A 145 1.81 -4.18 2.56
CA ILE A 145 1.90 -5.42 1.79
C ILE A 145 2.01 -6.54 2.81
N MET A 146 0.98 -7.38 2.90
CA MET A 146 0.97 -8.42 3.92
C MET A 146 0.75 -9.80 3.32
N LEU A 147 1.22 -10.79 4.05
CA LEU A 147 1.25 -12.17 3.59
C LEU A 147 0.05 -12.93 4.15
N LEU A 148 -0.48 -13.86 3.35
CA LEU A 148 -1.51 -14.76 3.88
C LEU A 148 -0.91 -15.80 4.81
N ASP A 149 0.24 -16.36 4.46
CA ASP A 149 0.91 -17.36 5.30
C ASP A 149 2.42 -17.15 5.18
N ARG A 150 3.07 -16.83 6.29
CA ARG A 150 4.48 -16.48 6.29
C ARG A 150 5.41 -17.67 6.41
N ASN A 151 4.88 -18.90 6.42
CA ASN A 151 5.68 -20.10 6.65
C ASN A 151 5.89 -20.96 5.41
N VAL A 152 5.37 -20.56 4.26
CA VAL A 152 5.54 -21.34 3.03
C VAL A 152 6.69 -20.72 2.24
N PRO A 153 7.29 -21.44 1.27
CA PRO A 153 8.45 -20.85 0.57
C PRO A 153 8.10 -19.64 -0.28
N LYS A 154 6.94 -19.65 -0.94
CA LYS A 154 6.45 -18.53 -1.74
C LYS A 154 5.10 -18.09 -1.18
N PRO A 155 5.09 -17.21 -0.18
CA PRO A 155 3.81 -16.76 0.39
C PRO A 155 3.01 -15.90 -0.58
N ARG A 156 1.70 -15.89 -0.39
CA ARG A 156 0.81 -15.06 -1.18
C ARG A 156 0.59 -13.73 -0.47
N ILE A 157 0.65 -12.64 -1.23
CA ILE A 157 0.57 -11.32 -0.61
C ILE A 157 -0.73 -10.63 -0.99
N LYS A 158 -1.10 -9.68 -0.16
CA LYS A 158 -2.27 -8.85 -0.41
C LYS A 158 -1.93 -7.41 -0.08
N ILE A 159 -2.33 -6.51 -0.95
CA ILE A 159 -2.23 -5.08 -0.70
C ILE A 159 -3.34 -4.70 0.26
N ILE A 160 -2.97 -4.00 1.33
CA ILE A 160 -3.98 -3.53 2.28
C ILE A 160 -3.99 -2.01 2.32
N ASP A 161 -4.90 -1.47 3.11
CA ASP A 161 -4.92 -0.06 3.49
C ASP A 161 -5.18 0.85 2.29
N PHE A 162 -6.44 0.96 1.91
CA PHE A 162 -6.85 1.82 0.82
C PHE A 162 -7.20 3.22 1.29
N GLY A 163 -6.59 3.67 2.39
CA GLY A 163 -6.98 4.91 3.02
C GLY A 163 -6.60 6.15 2.23
N LEU A 164 -5.62 6.04 1.33
CA LEU A 164 -5.27 7.16 0.48
C LEU A 164 -5.66 6.96 -0.98
N ALA A 165 -6.29 5.83 -1.30
CA ALA A 165 -6.57 5.48 -2.68
C ALA A 165 -7.62 6.41 -3.29
N HIS A 166 -7.47 6.70 -4.59
CA HIS A 166 -8.38 7.60 -5.29
C HIS A 166 -8.66 7.04 -6.67
N LYS A 167 -9.90 7.21 -7.13
CA LYS A 167 -10.22 7.00 -8.54
C LYS A 167 -9.61 8.12 -9.36
N ILE A 168 -8.97 7.76 -10.47
CA ILE A 168 -8.29 8.73 -11.32
C ILE A 168 -9.05 8.74 -12.64
N ASP A 169 -10.24 9.33 -12.65
CA ASP A 169 -11.06 9.31 -13.85
C ASP A 169 -10.67 10.37 -14.89
N PHE A 170 -9.83 11.34 -14.51
CA PHE A 170 -9.35 12.38 -15.42
C PHE A 170 -7.85 12.28 -15.66
N GLY A 171 -7.25 11.11 -15.45
CA GLY A 171 -5.83 11.01 -15.67
C GLY A 171 -4.98 11.54 -14.53
N ASN A 172 -5.49 12.49 -13.76
CA ASN A 172 -4.77 12.95 -12.59
C ASN A 172 -5.73 13.52 -11.55
N GLU A 173 -5.27 13.56 -10.30
CA GLU A 173 -5.97 14.20 -9.19
C GLU A 173 -5.07 15.21 -8.53
N PHE A 174 -5.66 16.31 -8.05
CA PHE A 174 -4.93 17.40 -7.38
C PHE A 174 -5.52 17.48 -5.97
N LYS A 175 -4.89 16.77 -4.99
CA LYS A 175 -5.57 16.64 -3.69
C LYS A 175 -4.67 16.54 -2.45
N ASN A 176 -3.33 16.58 -2.57
CA ASN A 176 -2.41 16.43 -1.44
C ASN A 176 -2.42 15.02 -0.82
N ILE A 177 -1.31 14.29 -0.95
CA ILE A 177 -1.20 12.95 -0.40
C ILE A 177 -0.08 12.96 0.63
N PHE A 178 -0.45 12.87 1.90
CA PHE A 178 0.56 12.83 2.95
C PHE A 178 0.87 11.36 3.26
N GLY A 179 1.59 10.74 2.31
CA GLY A 179 2.12 9.41 2.50
C GLY A 179 3.47 9.45 3.22
N THR A 180 4.14 8.31 3.22
CA THR A 180 5.40 8.16 3.94
C THR A 180 6.55 8.64 3.07
N PRO A 181 7.36 9.61 3.53
CA PRO A 181 8.38 10.22 2.66
C PRO A 181 9.27 9.25 1.89
N GLU A 182 9.71 8.16 2.52
CA GLU A 182 10.61 7.23 1.83
C GLU A 182 10.00 6.61 0.60
N PHE A 183 8.68 6.60 0.48
CA PHE A 183 8.01 5.87 -0.59
C PHE A 183 7.24 6.74 -1.57
N VAL A 184 7.08 8.03 -1.31
CA VAL A 184 6.26 8.87 -2.17
C VAL A 184 7.07 9.36 -3.36
N ALA A 185 6.38 9.54 -4.49
CA ALA A 185 7.01 10.00 -5.73
C ALA A 185 7.29 11.50 -5.68
N PRO A 186 8.21 11.99 -6.51
CA PRO A 186 8.47 13.44 -6.53
C PRO A 186 7.23 14.30 -6.71
N GLU A 187 6.25 13.88 -7.52
CA GLU A 187 5.07 14.71 -7.74
C GLU A 187 4.26 14.90 -6.46
N ILE A 188 4.27 13.89 -5.58
CA ILE A 188 3.66 14.04 -4.26
C ILE A 188 4.47 15.02 -3.42
N VAL A 189 5.80 14.88 -3.45
CA VAL A 189 6.67 15.76 -2.67
C VAL A 189 6.48 17.21 -3.09
N ASN A 190 6.31 17.43 -4.39
CA ASN A 190 6.20 18.77 -4.97
C ASN A 190 4.76 19.25 -5.10
N TYR A 191 3.80 18.50 -4.58
CA TYR A 191 2.39 18.92 -4.58
C TYR A 191 1.86 19.15 -5.98
N GLU A 192 2.24 18.28 -6.89
CA GLU A 192 1.82 18.36 -8.27
C GLU A 192 0.63 17.44 -8.51
N PRO A 193 -0.03 17.57 -9.67
CA PRO A 193 -1.10 16.62 -10.00
C PRO A 193 -0.58 15.20 -9.98
N LEU A 194 -1.43 14.28 -9.53
CA LEU A 194 -1.02 12.92 -9.22
C LEU A 194 -1.87 11.96 -10.03
N GLY A 195 -1.25 10.90 -10.55
CA GLY A 195 -2.01 9.86 -11.19
C GLY A 195 -1.47 8.49 -10.85
N LEU A 196 -1.75 7.51 -11.71
CA LEU A 196 -1.29 6.15 -11.49
C LEU A 196 0.23 6.05 -11.43
N GLU A 197 0.94 7.02 -12.03
CA GLU A 197 2.39 6.93 -12.11
C GLU A 197 3.03 6.93 -10.73
N ALA A 198 2.41 7.62 -9.76
CA ALA A 198 3.00 7.68 -8.42
C ALA A 198 3.15 6.29 -7.83
N ASP A 199 2.19 5.39 -8.08
CA ASP A 199 2.31 4.02 -7.59
C ASP A 199 3.53 3.31 -8.18
N MET A 200 3.84 3.59 -9.45
CA MET A 200 4.94 2.89 -10.10
C MET A 200 6.28 3.30 -9.50
N TRP A 201 6.41 4.57 -9.11
CA TRP A 201 7.59 4.99 -8.36
C TRP A 201 7.69 4.21 -7.05
N SER A 202 6.60 4.12 -6.30
CA SER A 202 6.66 3.41 -5.01
C SER A 202 7.10 1.97 -5.21
N ILE A 203 6.64 1.33 -6.29
CA ILE A 203 7.06 -0.03 -6.59
C ILE A 203 8.57 -0.09 -6.81
N GLY A 204 9.12 0.94 -7.48
CA GLY A 204 10.55 1.01 -7.66
C GLY A 204 11.31 1.08 -6.34
N VAL A 205 10.80 1.88 -5.39
CA VAL A 205 11.41 1.94 -4.05
C VAL A 205 11.30 0.59 -3.36
N ILE A 206 10.11 -0.02 -3.39
CA ILE A 206 9.92 -1.33 -2.79
C ILE A 206 10.88 -2.36 -3.38
N THR A 207 11.04 -2.34 -4.70
CA THR A 207 11.94 -3.31 -5.35
C THR A 207 13.38 -3.12 -4.88
N TYR A 208 13.82 -1.86 -4.80
CA TYR A 208 15.16 -1.56 -4.31
C TYR A 208 15.38 -2.14 -2.90
N ILE A 209 14.40 -1.97 -2.02
CA ILE A 209 14.52 -2.48 -0.65
C ILE A 209 14.50 -4.00 -0.63
N LEU A 210 13.60 -4.62 -1.41
CA LEU A 210 13.53 -6.08 -1.46
C LEU A 210 14.86 -6.69 -1.84
N LEU A 211 15.57 -6.08 -2.79
CA LEU A 211 16.79 -6.64 -3.31
C LEU A 211 18.00 -6.36 -2.44
N SER A 212 17.97 -5.29 -1.64
CA SER A 212 19.16 -4.83 -0.93
C SER A 212 19.01 -4.72 0.58
N GLY A 213 17.79 -4.66 1.10
CA GLY A 213 17.58 -4.32 2.49
C GLY A 213 17.83 -2.88 2.86
N ALA A 214 18.06 -2.00 1.87
CA ALA A 214 18.34 -0.59 2.12
C ALA A 214 17.30 0.27 1.41
N SER A 215 17.00 1.45 2.01
CA SER A 215 16.01 2.39 1.48
C SER A 215 16.71 3.44 0.62
N PRO A 216 16.32 3.61 -0.65
CA PRO A 216 17.16 4.37 -1.60
C PRO A 216 17.24 5.86 -1.31
N PHE A 217 16.21 6.47 -0.72
CA PHE A 217 16.17 7.91 -0.51
C PHE A 217 16.21 8.30 0.96
N LEU A 218 16.26 7.34 1.87
CA LEU A 218 16.10 7.62 3.29
C LEU A 218 17.19 8.55 3.79
N GLY A 219 16.77 9.68 4.35
CA GLY A 219 17.67 10.60 5.01
C GLY A 219 17.59 10.49 6.52
N ASP A 220 18.32 11.39 7.19
CA ASP A 220 18.28 11.47 8.65
C ASP A 220 17.02 12.12 9.17
N THR A 221 16.34 12.92 8.36
CA THR A 221 15.11 13.57 8.76
C THR A 221 14.10 13.44 7.63
N LYS A 222 12.83 13.69 7.93
CA LYS A 222 11.81 13.58 6.89
C LYS A 222 12.07 14.60 5.77
N GLN A 223 12.56 15.80 6.12
CA GLN A 223 12.81 16.79 5.07
C GLN A 223 13.95 16.36 4.15
N GLU A 224 14.98 15.72 4.71
CA GLU A 224 16.05 15.20 3.88
C GLU A 224 15.54 14.12 2.92
N THR A 225 14.73 13.20 3.44
CA THR A 225 14.17 12.16 2.56
C THR A 225 13.36 12.78 1.42
N LEU A 226 12.48 13.72 1.77
CA LEU A 226 11.68 14.38 0.73
C LEU A 226 12.58 15.10 -0.26
N ALA A 227 13.62 15.78 0.22
CA ALA A 227 14.51 16.49 -0.70
C ALA A 227 15.23 15.50 -1.60
N ASN A 228 15.64 14.35 -1.07
CA ASN A 228 16.30 13.32 -1.87
C ASN A 228 15.37 12.77 -2.94
N VAL A 229 14.12 12.53 -2.59
CA VAL A 229 13.13 12.04 -3.55
C VAL A 229 12.98 13.02 -4.70
N SER A 230 12.77 14.29 -4.38
CA SER A 230 12.51 15.28 -5.43
C SER A 230 13.69 15.42 -6.37
N ALA A 231 14.91 15.28 -5.86
CA ALA A 231 16.12 15.36 -6.67
C ALA A 231 16.47 14.03 -7.33
N VAL A 232 15.71 12.96 -7.06
CA VAL A 232 16.07 11.61 -7.48
C VAL A 232 17.50 11.30 -7.04
N ASN A 233 17.77 11.57 -5.76
CA ASN A 233 19.09 11.38 -5.19
C ASN A 233 19.15 9.96 -4.63
N TYR A 234 19.43 9.00 -5.51
CA TYR A 234 19.71 7.63 -5.07
C TYR A 234 20.75 7.00 -6.00
N GLU A 235 21.36 5.93 -5.51
CA GLU A 235 22.32 5.16 -6.30
C GLU A 235 22.33 3.72 -5.80
N PHE A 236 22.83 2.81 -6.63
CA PHE A 236 22.94 1.41 -6.25
C PHE A 236 24.28 1.20 -5.56
N GLU A 237 24.26 1.02 -4.23
CA GLU A 237 25.52 0.80 -3.50
C GLU A 237 26.08 -0.57 -3.86
N ASP A 238 27.32 -0.60 -4.35
CA ASP A 238 27.94 -1.87 -4.74
C ASP A 238 27.94 -2.86 -3.58
N GLU A 239 28.13 -2.37 -2.35
CA GLU A 239 28.15 -3.28 -1.20
C GLU A 239 26.85 -4.05 -1.08
N TYR A 240 25.74 -3.45 -1.52
CA TYR A 240 24.43 -4.08 -1.43
C TYR A 240 23.97 -4.71 -2.74
N PHE A 241 24.47 -4.25 -3.88
CA PHE A 241 23.99 -4.69 -5.18
C PHE A 241 25.03 -5.43 -6.01
N SER A 242 26.18 -5.80 -5.43
CA SER A 242 27.27 -6.36 -6.22
C SER A 242 26.89 -7.68 -6.89
N ASN A 243 25.97 -8.43 -6.30
CA ASN A 243 25.52 -9.68 -6.89
C ASN A 243 24.11 -9.60 -7.48
N THR A 244 23.58 -8.39 -7.65
CA THR A 244 22.26 -8.20 -8.25
C THR A 244 22.44 -7.99 -9.74
N SER A 245 21.51 -8.54 -10.53
CA SER A 245 21.69 -8.48 -11.98
C SER A 245 21.51 -7.06 -12.49
N ALA A 246 22.15 -6.76 -13.62
CA ALA A 246 21.99 -5.44 -14.21
C ALA A 246 20.55 -5.22 -14.65
N LEU A 247 19.85 -6.30 -15.02
CA LEU A 247 18.47 -6.18 -15.47
C LEU A 247 17.54 -5.80 -14.32
N ALA A 248 17.80 -6.32 -13.12
CA ALA A 248 17.06 -5.87 -11.95
C ALA A 248 17.29 -4.38 -11.72
N LYS A 249 18.55 -3.94 -11.80
CA LYS A 249 18.83 -2.51 -11.68
C LYS A 249 18.13 -1.70 -12.75
N ASP A 250 18.07 -2.24 -13.98
CA ASP A 250 17.41 -1.53 -15.08
C ASP A 250 15.92 -1.34 -14.78
N PHE A 251 15.26 -2.38 -14.26
CA PHE A 251 13.86 -2.30 -13.86
C PHE A 251 13.66 -1.15 -12.88
N ILE A 252 14.47 -1.10 -11.82
CA ILE A 252 14.35 -0.03 -10.83
C ILE A 252 14.61 1.33 -11.46
N ARG A 253 15.66 1.43 -12.27
CA ARG A 253 16.02 2.72 -12.85
C ARG A 253 14.90 3.28 -13.72
N ARG A 254 14.13 2.43 -14.38
CA ARG A 254 13.02 2.90 -15.21
C ARG A 254 11.77 3.23 -14.43
N LEU A 255 11.75 2.93 -13.13
CA LEU A 255 10.65 3.35 -12.26
C LEU A 255 10.98 4.58 -11.44
N LEU A 256 12.24 4.74 -11.03
CA LEU A 256 12.64 5.88 -10.20
C LEU A 256 13.03 7.06 -11.10
N VAL A 257 12.02 7.53 -11.84
CA VAL A 257 12.17 8.54 -12.88
C VAL A 257 11.34 9.74 -12.46
N LYS A 258 11.95 10.92 -12.43
CA LYS A 258 11.24 12.10 -11.93
C LYS A 258 10.01 12.42 -12.77
N ASP A 259 10.16 12.47 -14.09
CA ASP A 259 9.04 12.79 -14.96
C ASP A 259 8.05 11.63 -15.00
N PRO A 260 6.83 11.80 -14.50
CA PRO A 260 5.88 10.68 -14.47
C PRO A 260 5.58 10.15 -15.85
N LYS A 261 5.62 11.02 -16.86
CA LYS A 261 5.32 10.63 -18.22
C LYS A 261 6.37 9.68 -18.79
N LYS A 262 7.61 9.74 -18.30
CA LYS A 262 8.66 8.87 -18.78
C LYS A 262 8.86 7.64 -17.91
N ARG A 263 8.15 7.56 -16.79
CA ARG A 263 8.24 6.41 -15.88
C ARG A 263 7.53 5.20 -16.48
N MET A 264 8.03 3.99 -16.19
CA MET A 264 7.33 2.80 -16.66
C MET A 264 5.92 2.77 -16.08
N THR A 265 4.96 2.34 -16.89
CA THR A 265 3.60 2.10 -16.41
C THR A 265 3.53 0.69 -15.86
N ILE A 266 2.37 0.35 -15.26
CA ILE A 266 2.19 -1.01 -14.77
C ILE A 266 2.31 -2.02 -15.90
N GLN A 267 1.76 -1.70 -17.08
CA GLN A 267 1.90 -2.61 -18.21
C GLN A 267 3.35 -2.72 -18.67
N ASP A 268 4.07 -1.59 -18.70
CA ASP A 268 5.51 -1.64 -19.02
C ASP A 268 6.25 -2.55 -18.05
N SER A 269 5.92 -2.45 -16.75
CA SER A 269 6.65 -3.22 -15.75
C SER A 269 6.43 -4.72 -15.93
N LEU A 270 5.23 -5.13 -16.34
CA LEU A 270 4.96 -6.54 -16.56
C LEU A 270 5.62 -7.07 -17.82
N GLN A 271 5.88 -6.21 -18.81
CA GLN A 271 6.58 -6.60 -20.04
C GLN A 271 8.09 -6.41 -19.95
N HIS A 272 8.60 -5.81 -18.88
CA HIS A 272 10.03 -5.59 -18.75
C HIS A 272 10.75 -6.94 -18.68
N PRO A 273 11.93 -7.07 -19.30
CA PRO A 273 12.58 -8.39 -19.40
C PRO A 273 12.89 -9.04 -18.07
N TRP A 274 13.09 -8.26 -17.02
CA TRP A 274 13.30 -8.86 -15.71
C TRP A 274 12.07 -9.60 -15.22
N ILE A 275 10.88 -9.15 -15.64
CA ILE A 275 9.62 -9.70 -15.13
C ILE A 275 8.96 -10.64 -16.13
N LYS A 276 8.94 -10.26 -17.41
CA LYS A 276 8.24 -11.03 -18.43
C LYS A 276 8.81 -12.43 -18.54
N PRO A 277 7.97 -13.49 -18.46
CA PRO A 277 8.44 -14.87 -18.51
C PRO A 277 8.99 -15.25 -19.89
#